data_4DCB
#
_entry.id   4DCB
#
_cell.length_a   52.377
_cell.length_b   63.105
_cell.length_c   201.225
_cell.angle_alpha   90.00
_cell.angle_beta   90.00
_cell.angle_gamma   90.00
#
_symmetry.space_group_name_H-M   'I 2 2 2'
#
loop_
_entity.id
_entity.type
_entity.pdbx_description
1 polymer Coagulase/fibrinolysin
2 polymer Plasminogen
3 non-polymer (4R)-2-METHYLPENTANE-2,4-DIOL
4 non-polymer (4S)-2-METHYL-2,4-PENTANEDIOL
5 non-polymer (HYDROXYETHYLOXY)TRI(ETHYLOXY)OCTANE
6 non-polymer 'PHOSPHATE ION'
7 water water
#
loop_
_entity_poly.entity_id
_entity_poly.type
_entity_poly.pdbx_seq_one_letter_code
_entity_poly.pdbx_strand_id
1 'polypeptide(L)'
;LIPNISPDSFTVAASTGMLSGKSHEMLYDAETGRKISQLDWKIKNVAILKGDISWDPYSFLTLNARGWTSLASGSGNMDN
YDWMNENQSEWTDHSSHPATNVNHANEYDLNVKGWLLQDENYKAGITAGYQETRFSWTATGGSYSYNNGAYTGNFPKGVR
VIGYNQRFSMPYIGLAGQYRINDFELNALFKFSDWVRAHDNDEHYMRDLTFREKTSGSRYYGTVINAGYYVTPNAKVFAE
FTYSKYDEGKGGTQTIDKNSGDSVSIGGDAAGISNKNYTVTAGLQYRFGGGHHHHHH
;
A
2 'polypeptide(L)' KCPGRVVGGCK F
#
# COMPACT_ATOMS: atom_id res chain seq x y z
N LEU A 1 14.41 -8.48 33.61
CA LEU A 1 15.12 -7.23 33.89
C LEU A 1 14.32 -6.00 33.50
N ILE A 2 14.66 -4.90 34.14
CA ILE A 2 13.92 -3.66 34.00
C ILE A 2 14.45 -2.90 32.81
N PRO A 3 13.55 -2.58 31.87
CA PRO A 3 13.97 -1.95 30.62
C PRO A 3 14.66 -0.61 30.87
N ASN A 4 15.52 -0.25 29.93
CA ASN A 4 16.23 1.02 29.95
C ASN A 4 15.23 2.14 29.76
N ILE A 5 15.15 3.07 30.72
CA ILE A 5 14.26 4.21 30.56
C ILE A 5 15.00 5.53 30.37
N SER A 6 16.31 5.44 30.17
CA SER A 6 17.10 6.63 29.90
C SER A 6 16.61 7.33 28.64
N PRO A 7 16.56 8.67 28.68
CA PRO A 7 16.15 9.44 27.50
C PRO A 7 16.89 8.99 26.24
N ASP A 8 18.18 8.67 26.34
CA ASP A 8 18.90 8.29 25.13
C ASP A 8 18.54 6.88 24.60
N SER A 9 17.63 6.19 25.27
CA SER A 9 17.12 4.92 24.72
C SER A 9 15.99 5.18 23.72
N PHE A 10 15.66 6.45 23.53
CA PHE A 10 14.44 6.83 22.79
C PHE A 10 14.76 7.73 21.61
N THR A 11 14.17 7.43 20.47
CA THR A 11 14.43 8.17 19.25
C THR A 11 13.14 8.41 18.49
N VAL A 12 12.94 9.63 17.99
CA VAL A 12 11.77 9.92 17.15
C VAL A 12 12.20 10.46 15.80
N ALA A 13 11.42 10.19 14.75
CA ALA A 13 11.71 10.72 13.44
C ALA A 13 10.44 11.13 12.72
N ALA A 14 10.58 12.11 11.84
CA ALA A 14 9.49 12.52 10.96
C ALA A 14 10.09 12.88 9.61
N SER A 15 9.40 12.51 8.54
CA SER A 15 9.81 12.94 7.23
C SER A 15 8.58 13.26 6.36
N THR A 16 8.79 14.00 5.27
CA THR A 16 7.72 14.26 4.32
C THR A 16 8.18 13.91 2.93
N GLY A 17 7.24 13.61 2.05
CA GLY A 17 7.59 13.34 0.68
C GLY A 17 6.38 12.80 -0.05
N MET A 18 6.62 11.85 -0.95
CA MET A 18 5.56 11.39 -1.83
C MET A 18 5.36 9.88 -1.86
N LEU A 19 4.11 9.49 -2.07
CA LEU A 19 3.72 8.11 -2.20
C LEU A 19 3.17 7.91 -3.59
N SER A 20 3.45 6.76 -4.19
CA SER A 20 2.89 6.45 -5.49
C SER A 20 2.77 4.94 -5.57
N GLY A 21 2.05 4.45 -6.58
CA GLY A 21 1.85 3.02 -6.69
C GLY A 21 0.66 2.67 -7.58
N LYS A 22 0.24 1.41 -7.50
CA LYS A 22 -0.86 0.93 -8.31
C LYS A 22 -1.52 -0.27 -7.67
N SER A 23 -2.85 -0.25 -7.65
CA SER A 23 -3.63 -1.37 -7.13
C SER A 23 -4.46 -2.03 -8.21
N HIS A 24 -4.86 -3.27 -7.95
CA HIS A 24 -5.68 -4.03 -8.88
C HIS A 24 -6.82 -4.68 -8.14
N GLU A 25 -8.01 -4.55 -8.73
CA GLU A 25 -9.25 -5.10 -8.22
C GLU A 25 -9.70 -6.08 -9.30
N MET A 26 -9.57 -7.38 -9.02
CA MET A 26 -9.66 -8.41 -10.05
C MET A 26 -10.84 -9.35 -9.83
N LEU A 27 -11.35 -9.89 -10.94
CA LEU A 27 -12.42 -10.87 -10.88
C LEU A 27 -12.18 -11.98 -11.90
N TYR A 28 -12.43 -13.22 -11.49
CA TYR A 28 -12.18 -14.39 -12.31
C TYR A 28 -13.36 -15.35 -12.23
N ASP A 29 -13.58 -16.09 -13.31
CA ASP A 29 -14.53 -17.20 -13.32
C ASP A 29 -13.99 -18.30 -12.41
N ALA A 30 -14.76 -18.65 -11.38
CA ALA A 30 -14.31 -19.60 -10.37
C ALA A 30 -14.22 -21.06 -10.86
N GLU A 31 -14.42 -21.26 -12.17
CA GLU A 31 -14.34 -22.60 -12.74
C GLU A 31 -13.20 -22.73 -13.74
N THR A 32 -13.10 -21.76 -14.65
CA THR A 32 -12.06 -21.76 -15.66
C THR A 32 -10.88 -20.89 -15.24
N GLY A 33 -11.13 -19.98 -14.31
CA GLY A 33 -10.12 -19.04 -13.87
C GLY A 33 -10.02 -17.86 -14.81
N ARG A 34 -10.82 -17.88 -15.88
CA ARG A 34 -10.82 -16.81 -16.86
C ARG A 34 -11.00 -15.46 -16.17
N LYS A 35 -10.12 -14.51 -16.49
CA LYS A 35 -10.25 -13.14 -15.98
C LYS A 35 -11.44 -12.46 -16.64
N ILE A 36 -12.44 -12.10 -15.85
CA ILE A 36 -13.61 -11.43 -16.39
C ILE A 36 -13.63 -9.94 -16.11
N SER A 37 -12.93 -9.51 -15.06
CA SER A 37 -12.91 -8.09 -14.72
C SER A 37 -11.61 -7.61 -14.08
N GLN A 38 -11.22 -6.39 -14.43
CA GLN A 38 -9.96 -5.83 -13.96
C GLN A 38 -10.06 -4.30 -13.83
N LEU A 39 -10.01 -3.81 -12.60
CA LEU A 39 -9.91 -2.36 -12.41
C LEU A 39 -8.54 -2.01 -11.85
N ASP A 40 -7.84 -1.13 -12.57
CA ASP A 40 -6.51 -0.69 -12.16
C ASP A 40 -6.62 0.68 -11.52
N TRP A 41 -6.16 0.79 -10.28
CA TRP A 41 -6.28 2.01 -9.50
C TRP A 41 -4.90 2.58 -9.27
N LYS A 42 -4.65 3.75 -9.84
CA LYS A 42 -3.31 4.32 -9.80
C LYS A 42 -3.18 5.31 -8.66
N ILE A 43 -2.03 5.33 -8.00
CA ILE A 43 -1.70 6.39 -7.07
C ILE A 43 -0.56 7.18 -7.73
N LYS A 44 -0.88 8.33 -8.31
CA LYS A 44 0.15 9.07 -9.03
C LYS A 44 0.98 9.95 -8.09
N ASN A 45 0.30 10.76 -7.30
CA ASN A 45 1.01 11.66 -6.40
C ASN A 45 0.20 11.96 -5.14
N VAL A 46 0.70 11.49 -4.00
CA VAL A 46 0.08 11.81 -2.73
C VAL A 46 1.18 12.29 -1.79
N ALA A 47 0.99 13.47 -1.22
CA ALA A 47 1.93 14.02 -0.24
C ALA A 47 1.73 13.24 1.05
N ILE A 48 2.82 12.75 1.64
CA ILE A 48 2.74 12.03 2.90
C ILE A 48 3.64 12.58 4.00
N LEU A 49 3.23 12.29 5.23
CA LEU A 49 4.04 12.52 6.40
C LEU A 49 4.27 11.15 7.00
N LYS A 50 5.52 10.91 7.41
CA LYS A 50 5.96 9.62 7.89
C LYS A 50 6.52 9.85 9.28
N GLY A 51 6.15 8.99 10.22
CA GLY A 51 6.63 9.11 11.59
C GLY A 51 7.22 7.83 12.10
N ASP A 52 8.09 7.96 13.09
CA ASP A 52 8.76 6.79 13.67
C ASP A 52 9.09 7.07 15.11
N ILE A 53 8.76 6.10 15.97
CA ILE A 53 9.13 6.14 17.36
C ILE A 53 9.84 4.83 17.66
N SER A 54 11.05 4.94 18.20
CA SER A 54 11.84 3.74 18.45
C SER A 54 12.40 3.78 19.86
N TRP A 55 12.30 2.65 20.56
CA TRP A 55 12.77 2.51 21.93
C TRP A 55 13.65 1.27 22.07
N ASP A 56 14.81 1.43 22.71
CA ASP A 56 15.69 0.31 23.02
C ASP A 56 15.58 -0.07 24.49
N PRO A 57 14.57 -0.85 24.86
CA PRO A 57 14.48 -1.27 26.27
C PRO A 57 15.71 -2.08 26.71
N TYR A 58 16.34 -2.82 25.80
CA TYR A 58 17.54 -3.60 26.12
C TYR A 58 18.54 -3.45 24.97
N SER A 59 19.81 -3.77 25.21
CA SER A 59 20.83 -3.65 24.17
C SER A 59 20.49 -4.48 22.92
N PHE A 60 19.79 -5.60 23.12
CA PHE A 60 19.51 -6.52 22.02
C PHE A 60 18.11 -6.37 21.43
N LEU A 61 17.34 -5.40 21.95
CA LEU A 61 15.92 -5.34 21.60
C LEU A 61 15.46 -3.90 21.37
N THR A 62 14.82 -3.68 20.23
CA THR A 62 14.28 -2.38 19.90
C THR A 62 12.78 -2.54 19.66
N LEU A 63 11.97 -1.65 20.21
CA LEU A 63 10.54 -1.66 19.91
C LEU A 63 10.28 -0.46 19.04
N ASN A 64 9.49 -0.63 17.99
CA ASN A 64 9.33 0.42 16.97
C ASN A 64 7.89 0.58 16.54
N ALA A 65 7.38 1.82 16.53
CA ALA A 65 6.10 2.12 15.90
C ALA A 65 6.31 3.13 14.79
N ARG A 66 5.90 2.77 13.58
CA ARG A 66 6.09 3.69 12.46
C ARG A 66 4.90 3.65 11.55
N GLY A 67 4.80 4.68 10.72
CA GLY A 67 3.72 4.72 9.76
C GLY A 67 3.79 5.97 8.94
N TRP A 68 2.82 6.10 8.05
CA TRP A 68 2.71 7.32 7.31
C TRP A 68 1.26 7.57 6.98
N THR A 69 0.97 8.81 6.59
CA THR A 69 -0.38 9.19 6.26
C THR A 69 -0.38 10.27 5.19
N SER A 70 -1.41 10.26 4.35
CA SER A 70 -1.57 11.26 3.32
C SER A 70 -1.86 12.60 4.00
N LEU A 71 -1.27 13.66 3.50
CA LEU A 71 -1.48 14.99 4.05
C LEU A 71 -2.72 15.66 3.48
N ALA A 72 -3.13 15.21 2.30
CA ALA A 72 -4.33 15.73 1.63
C ALA A 72 -4.69 14.78 0.52
N SER A 73 -5.84 15.00 -0.10
CA SER A 73 -6.25 14.25 -1.26
C SER A 73 -5.15 14.36 -2.33
N GLY A 74 -4.88 13.27 -3.04
CA GLY A 74 -3.85 13.27 -4.06
C GLY A 74 -4.42 12.83 -5.40
N SER A 75 -3.58 12.78 -6.42
CA SER A 75 -4.10 12.47 -7.76
C SER A 75 -3.93 11.00 -8.08
N GLY A 76 -4.84 10.47 -8.88
CA GLY A 76 -4.79 9.07 -9.27
C GLY A 76 -5.42 8.87 -10.61
N ASN A 77 -5.70 7.61 -10.94
CA ASN A 77 -6.28 7.26 -12.22
C ASN A 77 -6.96 5.91 -12.05
N MET A 78 -7.97 5.61 -12.85
CA MET A 78 -8.55 4.27 -12.82
C MET A 78 -8.96 3.83 -14.21
N ASP A 79 -8.73 2.55 -14.49
CA ASP A 79 -9.21 1.95 -15.72
C ASP A 79 -9.93 0.68 -15.39
N ASN A 80 -11.06 0.48 -16.06
CA ASN A 80 -11.98 -0.59 -15.75
C ASN A 80 -12.22 -1.39 -17.02
N TYR A 81 -11.70 -2.62 -17.07
CA TYR A 81 -11.86 -3.49 -18.23
C TYR A 81 -12.70 -4.71 -17.86
N ASP A 82 -13.61 -5.12 -18.74
CA ASP A 82 -14.42 -6.32 -18.50
C ASP A 82 -14.41 -7.24 -19.71
N TRP A 83 -14.29 -8.54 -19.45
CA TRP A 83 -14.28 -9.58 -20.49
C TRP A 83 -15.60 -10.38 -20.41
N MET A 84 -16.69 -9.81 -20.91
CA MET A 84 -18.01 -10.44 -20.84
C MET A 84 -18.17 -11.65 -21.77
N ASN A 85 -17.40 -11.67 -22.84
CA ASN A 85 -17.49 -12.73 -23.84
C ASN A 85 -16.45 -13.81 -23.64
N GLU A 86 -16.89 -14.95 -23.09
CA GLU A 86 -16.00 -16.05 -22.76
C GLU A 86 -15.17 -16.55 -23.95
N ASN A 87 -15.70 -16.36 -25.15
CA ASN A 87 -15.00 -16.81 -26.35
C ASN A 87 -13.81 -15.93 -26.71
N GLN A 88 -13.91 -14.64 -26.39
CA GLN A 88 -12.97 -13.65 -26.89
C GLN A 88 -11.99 -13.15 -25.82
N SER A 89 -10.71 -13.10 -26.18
CA SER A 89 -9.68 -12.71 -25.22
C SER A 89 -9.62 -11.21 -24.97
N GLU A 90 -9.83 -10.42 -26.02
CA GLU A 90 -9.87 -8.98 -25.86
C GLU A 90 -11.09 -8.58 -25.01
N TRP A 91 -10.98 -7.48 -24.27
CA TRP A 91 -12.07 -7.03 -23.41
C TRP A 91 -13.25 -6.51 -24.22
N THR A 92 -14.44 -6.62 -23.64
CA THR A 92 -15.65 -6.12 -24.28
C THR A 92 -15.93 -4.70 -23.86
N ASP A 93 -15.44 -4.34 -22.68
CA ASP A 93 -15.75 -3.04 -22.09
C ASP A 93 -14.53 -2.39 -21.44
N HIS A 94 -14.45 -1.07 -21.59
CA HIS A 94 -13.37 -0.31 -21.00
C HIS A 94 -13.85 1.09 -20.67
N SER A 95 -13.61 1.52 -19.44
CA SER A 95 -13.82 2.90 -19.08
C SER A 95 -12.55 3.45 -18.49
N SER A 96 -12.33 4.74 -18.69
CA SER A 96 -11.10 5.38 -18.32
C SER A 96 -11.45 6.62 -17.51
N HIS A 97 -10.83 6.76 -16.34
CA HIS A 97 -11.23 7.81 -15.41
C HIS A 97 -10.03 8.58 -14.84
N PRO A 98 -9.48 9.50 -15.64
CA PRO A 98 -8.31 10.30 -15.27
C PRO A 98 -8.60 11.16 -14.04
N ALA A 99 -9.86 11.54 -13.88
CA ALA A 99 -10.29 12.33 -12.73
C ALA A 99 -10.62 11.42 -11.56
N THR A 100 -9.63 10.64 -11.13
CA THR A 100 -9.78 9.81 -9.96
C THR A 100 -8.90 10.40 -8.86
N ASN A 101 -9.46 10.60 -7.68
CA ASN A 101 -8.68 11.11 -6.55
C ASN A 101 -8.30 10.00 -5.60
N VAL A 102 -7.11 10.11 -5.04
CA VAL A 102 -6.78 9.29 -3.88
C VAL A 102 -7.23 10.09 -2.65
N ASN A 103 -8.34 9.66 -2.06
CA ASN A 103 -8.92 10.38 -0.94
C ASN A 103 -7.97 10.40 0.26
N HIS A 104 -7.43 9.23 0.58
CA HIS A 104 -6.46 9.14 1.66
C HIS A 104 -5.76 7.79 1.61
N ALA A 105 -4.64 7.69 2.32
CA ALA A 105 -3.91 6.45 2.38
C ALA A 105 -3.14 6.50 3.68
N ASN A 106 -2.86 5.33 4.26
CA ASN A 106 -1.97 5.28 5.40
C ASN A 106 -1.40 3.90 5.60
N GLU A 107 -0.41 3.83 6.48
CA GLU A 107 0.23 2.58 6.82
C GLU A 107 0.74 2.66 8.25
N TYR A 108 0.64 1.56 8.97
CA TYR A 108 1.18 1.48 10.33
C TYR A 108 1.89 0.17 10.46
N ASP A 109 2.98 0.19 11.21
CA ASP A 109 3.93 -0.92 11.24
C ASP A 109 4.51 -0.93 12.65
N LEU A 110 4.15 -1.95 13.42
CA LEU A 110 4.50 -2.06 14.82
C LEU A 110 5.37 -3.28 14.89
N ASN A 111 6.60 -3.11 15.33
CA ASN A 111 7.54 -4.22 15.19
C ASN A 111 8.61 -4.22 16.27
N VAL A 112 9.29 -5.34 16.36
CA VAL A 112 10.42 -5.51 17.24
C VAL A 112 11.63 -5.84 16.37
N LYS A 113 12.81 -5.47 16.84
CA LYS A 113 14.04 -5.90 16.22
C LYS A 113 14.94 -6.51 17.29
N GLY A 114 15.42 -7.72 17.02
CA GLY A 114 16.31 -8.42 17.92
C GLY A 114 17.68 -8.35 17.29
N TRP A 115 18.59 -7.62 17.91
CA TRP A 115 19.93 -7.41 17.32
C TRP A 115 20.83 -8.55 17.73
N LEU A 116 21.41 -9.24 16.75
CA LEU A 116 22.13 -10.48 17.01
C LEU A 116 23.64 -10.32 16.78
N LEU A 117 23.99 -9.32 15.97
CA LEU A 117 25.38 -9.02 15.70
C LEU A 117 25.60 -7.53 15.84
N GLN A 118 26.70 -7.17 16.48
CA GLN A 118 27.02 -5.76 16.56
C GLN A 118 28.49 -5.50 16.81
N ASP A 119 29.02 -4.51 16.09
CA ASP A 119 30.31 -3.92 16.42
C ASP A 119 30.17 -2.40 16.32
N GLU A 120 31.28 -1.69 16.22
CA GLU A 120 31.23 -0.23 16.27
C GLU A 120 30.55 0.35 15.04
N ASN A 121 30.59 -0.36 13.93
CA ASN A 121 30.13 0.20 12.65
C ASN A 121 28.85 -0.42 12.12
N TYR A 122 28.47 -1.56 12.69
CA TYR A 122 27.45 -2.40 12.06
C TYR A 122 26.64 -3.14 13.12
N LYS A 123 25.33 -3.09 12.96
CA LYS A 123 24.40 -3.80 13.84
C LYS A 123 23.43 -4.54 12.91
N ALA A 124 23.15 -5.81 13.18
CA ALA A 124 22.27 -6.57 12.32
C ALA A 124 21.35 -7.46 13.14
N GLY A 125 20.12 -7.61 12.69
CA GLY A 125 19.15 -8.35 13.47
C GLY A 125 18.02 -8.90 12.67
N ILE A 126 17.12 -9.60 13.36
CA ILE A 126 15.92 -10.13 12.77
C ILE A 126 14.81 -9.27 13.31
N THR A 127 13.92 -8.85 12.42
CA THR A 127 12.77 -8.05 12.79
C THR A 127 11.47 -8.84 12.55
N ALA A 128 10.46 -8.58 13.37
CA ALA A 128 9.13 -9.13 13.12
C ALA A 128 8.11 -8.10 13.56
N GLY A 129 7.04 -7.98 12.79
CA GLY A 129 6.01 -7.02 13.16
C GLY A 129 4.62 -7.31 12.59
N TYR A 130 3.72 -6.39 12.91
CA TYR A 130 2.38 -6.39 12.34
C TYR A 130 2.25 -5.11 11.54
N GLN A 131 1.65 -5.21 10.36
CA GLN A 131 1.57 -4.05 9.47
C GLN A 131 0.21 -4.00 8.80
N GLU A 132 -0.31 -2.80 8.62
CA GLU A 132 -1.52 -2.61 7.82
C GLU A 132 -1.38 -1.39 6.95
N THR A 133 -1.93 -1.48 5.75
CA THR A 133 -1.88 -0.39 4.78
C THR A 133 -3.26 -0.25 4.16
N ARG A 134 -3.71 1.00 3.99
CA ARG A 134 -5.04 1.28 3.46
C ARG A 134 -4.96 2.36 2.39
N PHE A 135 -5.79 2.23 1.35
CA PHE A 135 -5.90 3.22 0.30
C PHE A 135 -7.37 3.45 0.01
N SER A 136 -7.72 4.68 -0.34
CA SER A 136 -9.09 4.99 -0.74
C SER A 136 -9.10 5.90 -1.98
N TRP A 137 -9.91 5.54 -2.98
CA TRP A 137 -10.00 6.30 -4.23
C TRP A 137 -11.45 6.67 -4.53
N THR A 138 -11.64 7.75 -5.27
CA THR A 138 -12.95 8.02 -5.88
C THR A 138 -12.80 8.38 -7.34
N ALA A 139 -13.41 7.57 -8.20
CA ALA A 139 -13.30 7.81 -9.63
C ALA A 139 -14.52 8.62 -10.09
N THR A 140 -14.25 9.71 -10.79
CA THR A 140 -15.32 10.59 -11.28
C THR A 140 -15.16 10.84 -12.78
N GLY A 141 -16.28 11.10 -13.47
CA GLY A 141 -16.22 11.43 -14.88
C GLY A 141 -15.58 10.32 -15.69
N GLY A 142 -14.89 10.67 -16.76
CA GLY A 142 -14.22 9.69 -17.59
C GLY A 142 -14.95 9.38 -18.88
N SER A 143 -14.46 8.37 -19.60
CA SER A 143 -15.06 7.99 -20.87
C SER A 143 -15.21 6.49 -20.92
N TYR A 144 -15.92 5.98 -21.92
CA TYR A 144 -16.20 4.54 -21.99
C TYR A 144 -16.26 4.04 -23.42
N SER A 145 -15.88 2.78 -23.59
CA SER A 145 -16.14 2.02 -24.81
C SER A 145 -16.77 0.70 -24.39
N TYR A 146 -18.04 0.54 -24.71
CA TYR A 146 -18.82 -0.61 -24.23
C TYR A 146 -19.35 -1.48 -25.36
N ASN A 147 -19.58 -2.76 -25.04
CA ASN A 147 -20.10 -3.72 -25.99
C ASN A 147 -19.31 -3.68 -27.29
N ASN A 148 -18.00 -3.94 -27.19
CA ASN A 148 -17.12 -3.89 -28.35
C ASN A 148 -17.27 -2.62 -29.19
N GLY A 149 -17.15 -1.48 -28.54
CA GLY A 149 -17.13 -0.20 -29.24
C GLY A 149 -18.46 0.25 -29.84
N ALA A 150 -19.53 -0.49 -29.58
CA ALA A 150 -20.86 -0.12 -30.08
C ALA A 150 -21.39 1.14 -29.39
N TYR A 151 -21.07 1.28 -28.10
CA TYR A 151 -21.38 2.49 -27.36
C TYR A 151 -20.10 3.17 -26.87
N THR A 152 -19.87 4.42 -27.26
CA THR A 152 -18.75 5.20 -26.72
C THR A 152 -19.21 6.60 -26.33
N GLY A 153 -18.51 7.21 -25.37
CA GLY A 153 -18.87 8.53 -24.91
C GLY A 153 -18.20 8.86 -23.59
N ASN A 154 -18.70 9.89 -22.92
CA ASN A 154 -18.16 10.32 -21.65
C ASN A 154 -19.21 10.24 -20.55
N PHE A 155 -18.76 10.10 -19.31
CA PHE A 155 -19.63 10.26 -18.16
C PHE A 155 -19.64 11.75 -17.78
N PRO A 156 -20.71 12.21 -17.13
CA PRO A 156 -20.83 13.61 -16.74
C PRO A 156 -19.71 14.05 -15.79
N LYS A 157 -19.08 15.16 -16.12
CA LYS A 157 -17.98 15.72 -15.33
C LYS A 157 -18.31 15.79 -13.84
N GLY A 158 -17.38 15.30 -13.02
CA GLY A 158 -17.49 15.45 -11.57
C GLY A 158 -18.47 14.51 -10.88
N VAL A 159 -19.20 13.72 -11.66
CA VAL A 159 -20.09 12.74 -11.07
C VAL A 159 -19.28 11.55 -10.58
N ARG A 160 -19.46 11.14 -9.34
CA ARG A 160 -18.71 10.00 -8.85
C ARG A 160 -19.25 8.70 -9.43
N VAL A 161 -18.35 7.86 -9.89
CA VAL A 161 -18.74 6.66 -10.59
C VAL A 161 -18.50 5.40 -9.76
N ILE A 162 -17.30 5.28 -9.19
CA ILE A 162 -16.98 4.14 -8.35
C ILE A 162 -16.14 4.61 -7.18
N GLY A 163 -16.47 4.12 -5.98
CA GLY A 163 -15.65 4.36 -4.81
C GLY A 163 -14.98 3.05 -4.40
N TYR A 164 -13.69 3.11 -4.10
CA TYR A 164 -12.93 1.90 -3.82
C TYR A 164 -11.97 2.08 -2.64
N ASN A 165 -11.95 1.10 -1.75
CA ASN A 165 -11.02 1.07 -0.61
C ASN A 165 -10.33 -0.28 -0.59
N GLN A 166 -9.06 -0.31 -0.21
CA GLN A 166 -8.36 -1.56 0.02
C GLN A 166 -7.69 -1.50 1.36
N ARG A 167 -7.52 -2.65 1.99
CA ARG A 167 -6.64 -2.73 3.13
C ARG A 167 -5.94 -4.09 3.13
N PHE A 168 -4.69 -4.09 3.57
CA PHE A 168 -3.89 -5.30 3.63
C PHE A 168 -3.31 -5.32 5.02
N SER A 169 -3.36 -6.46 5.68
CA SER A 169 -2.71 -6.57 6.98
C SER A 169 -1.97 -7.90 7.08
N MET A 170 -0.91 -7.93 7.89
CA MET A 170 -0.07 -9.13 7.95
C MET A 170 0.88 -9.09 9.13
N PRO A 171 1.29 -10.27 9.57
CA PRO A 171 2.51 -10.28 10.38
C PRO A 171 3.65 -10.48 9.37
N TYR A 172 4.84 -9.96 9.63
CA TYR A 172 5.95 -10.16 8.73
C TYR A 172 7.22 -10.49 9.49
N ILE A 173 8.22 -11.02 8.78
CA ILE A 173 9.54 -11.26 9.33
C ILE A 173 10.55 -10.56 8.42
N GLY A 174 11.72 -10.22 8.94
CA GLY A 174 12.66 -9.48 8.13
C GLY A 174 14.06 -9.44 8.70
N LEU A 175 14.97 -8.89 7.91
CA LEU A 175 16.36 -8.69 8.30
C LEU A 175 16.60 -7.21 8.28
N ALA A 176 17.26 -6.70 9.32
CA ALA A 176 17.56 -5.28 9.40
C ALA A 176 19.04 -5.09 9.64
N GLY A 177 19.64 -4.11 8.96
CA GLY A 177 21.04 -3.83 9.11
C GLY A 177 21.24 -2.35 9.26
N GLN A 178 22.21 -1.96 10.09
CA GLN A 178 22.51 -0.55 10.31
C GLN A 178 24.02 -0.35 10.24
N TYR A 179 24.47 0.52 9.34
CA TYR A 179 25.88 0.84 9.19
C TYR A 179 26.11 2.28 9.59
N ARG A 180 27.18 2.52 10.32
CA ARG A 180 27.50 3.87 10.77
C ARG A 180 29.02 4.03 10.58
N ILE A 181 29.42 5.04 9.81
CA ILE A 181 30.81 5.41 9.72
C ILE A 181 30.91 6.92 9.99
N ASN A 182 31.57 7.28 11.09
CA ASN A 182 31.59 8.66 11.55
C ASN A 182 30.17 9.25 11.57
N ASP A 183 29.92 10.29 10.78
CA ASP A 183 28.61 10.93 10.82
C ASP A 183 27.63 10.40 9.80
N PHE A 184 28.05 9.40 9.01
CA PHE A 184 27.14 8.82 8.00
C PHE A 184 26.48 7.55 8.53
N GLU A 185 25.18 7.41 8.25
CA GLU A 185 24.45 6.23 8.69
C GLU A 185 23.52 5.74 7.61
N LEU A 186 23.61 4.44 7.35
CA LEU A 186 22.75 3.74 6.40
C LEU A 186 21.98 2.64 7.11
N ASN A 187 20.67 2.60 6.88
CA ASN A 187 19.83 1.51 7.39
C ASN A 187 19.16 0.83 6.20
N ALA A 188 19.13 -0.50 6.23
CA ALA A 188 18.48 -1.28 5.20
C ALA A 188 17.66 -2.37 5.83
N LEU A 189 16.43 -2.53 5.37
CA LEU A 189 15.53 -3.53 5.92
C LEU A 189 14.86 -4.29 4.78
N PHE A 190 14.73 -5.61 4.93
CA PHE A 190 13.98 -6.44 4.00
C PHE A 190 12.91 -7.21 4.78
N LYS A 191 11.66 -7.08 4.34
CA LYS A 191 10.51 -7.65 5.05
C LYS A 191 9.77 -8.60 4.14
N PHE A 192 9.18 -9.64 4.72
CA PHE A 192 8.41 -10.63 3.96
C PHE A 192 7.27 -11.23 4.78
N SER A 193 6.15 -11.52 4.12
CA SER A 193 5.09 -12.27 4.75
C SER A 193 4.54 -13.30 3.77
N ASP A 194 4.13 -14.45 4.27
CA ASP A 194 3.40 -15.41 3.43
C ASP A 194 1.95 -15.50 3.87
N TRP A 195 1.51 -14.55 4.68
CA TRP A 195 0.14 -14.64 5.16
C TRP A 195 -0.55 -13.29 5.26
N VAL A 196 -0.65 -12.61 4.11
CA VAL A 196 -1.37 -11.35 4.04
C VAL A 196 -2.87 -11.60 4.03
N ARG A 197 -3.60 -10.83 4.82
CA ARG A 197 -5.05 -10.80 4.70
C ARG A 197 -5.46 -9.50 4.02
N ALA A 198 -6.27 -9.61 2.98
CA ALA A 198 -6.67 -8.43 2.22
C ALA A 198 -8.17 -8.28 2.18
N HIS A 199 -8.65 -7.04 2.19
CA HIS A 199 -10.07 -6.75 2.03
C HIS A 199 -10.20 -5.56 1.11
N ASP A 200 -11.31 -5.49 0.39
CA ASP A 200 -11.62 -4.24 -0.29
C ASP A 200 -13.12 -3.96 -0.24
N ASN A 201 -13.49 -2.76 -0.63
CA ASN A 201 -14.88 -2.32 -0.64
C ASN A 201 -15.11 -1.45 -1.87
N ASP A 202 -16.16 -1.75 -2.60
CA ASP A 202 -16.37 -1.09 -3.87
C ASP A 202 -17.82 -0.61 -3.94
N GLU A 203 -17.99 0.70 -4.11
CA GLU A 203 -19.31 1.30 -4.26
C GLU A 203 -19.50 1.71 -5.70
N HIS A 204 -20.31 0.94 -6.44
CA HIS A 204 -20.67 1.29 -7.80
C HIS A 204 -21.90 2.19 -7.78
N TYR A 205 -21.67 3.49 -7.79
CA TYR A 205 -22.73 4.48 -7.58
C TYR A 205 -23.83 4.51 -8.66
N MET A 206 -23.49 4.09 -9.87
CA MET A 206 -24.44 4.12 -10.98
C MET A 206 -25.20 2.82 -11.10
N ARG A 207 -24.94 1.89 -10.18
CA ARG A 207 -25.63 0.62 -10.14
C ARG A 207 -26.22 0.35 -8.76
N ASP A 208 -26.00 1.27 -7.83
CA ASP A 208 -26.48 1.09 -6.47
C ASP A 208 -26.07 -0.28 -5.97
N LEU A 209 -24.84 -0.67 -6.28
CA LEU A 209 -24.28 -1.93 -5.80
C LEU A 209 -23.10 -1.66 -4.90
N THR A 210 -22.95 -2.48 -3.87
CA THR A 210 -21.73 -2.48 -3.08
C THR A 210 -21.11 -3.87 -3.16
N PHE A 211 -19.83 -3.93 -3.53
CA PHE A 211 -19.09 -5.17 -3.58
C PHE A 211 -18.08 -5.22 -2.44
N ARG A 212 -17.88 -6.40 -1.86
CA ARG A 212 -16.84 -6.62 -0.86
C ARG A 212 -16.08 -7.91 -1.16
N GLU A 213 -14.76 -7.82 -1.11
CA GLU A 213 -13.91 -8.98 -1.36
C GLU A 213 -12.92 -9.17 -0.22
N LYS A 214 -12.50 -10.41 0.00
CA LYS A 214 -11.44 -10.71 0.96
C LYS A 214 -10.61 -11.91 0.54
N THR A 215 -9.31 -11.83 0.75
CA THR A 215 -8.42 -12.94 0.47
C THR A 215 -7.47 -13.11 1.64
N SER A 216 -6.90 -14.30 1.77
CA SER A 216 -5.93 -14.54 2.82
C SER A 216 -4.87 -15.51 2.32
N GLY A 217 -3.71 -15.45 2.93
CA GLY A 217 -2.63 -16.37 2.61
C GLY A 217 -1.81 -15.93 1.42
N SER A 218 -1.90 -14.65 1.06
CA SER A 218 -1.08 -14.12 -0.04
C SER A 218 0.27 -13.56 0.46
N ARG A 219 1.17 -13.25 -0.48
CA ARG A 219 2.53 -12.86 -0.13
C ARG A 219 2.79 -11.35 -0.13
N TYR A 220 3.76 -10.95 0.68
CA TYR A 220 4.23 -9.57 0.73
C TYR A 220 5.74 -9.51 0.68
N TYR A 221 6.26 -8.49 0.01
CA TYR A 221 7.68 -8.20 0.05
C TYR A 221 7.84 -6.71 0.20
N GLY A 222 8.74 -6.29 1.07
CA GLY A 222 8.97 -4.87 1.32
C GLY A 222 10.43 -4.58 1.66
N THR A 223 10.86 -3.38 1.29
CA THR A 223 12.19 -2.91 1.65
C THR A 223 12.13 -1.49 2.19
N VAL A 224 13.11 -1.15 3.01
CA VAL A 224 13.28 0.20 3.49
C VAL A 224 14.75 0.49 3.41
N ILE A 225 15.11 1.64 2.84
CA ILE A 225 16.49 2.05 2.86
C ILE A 225 16.58 3.52 3.14
N ASN A 226 17.42 3.88 4.10
CA ASN A 226 17.63 5.30 4.33
C ASN A 226 19.10 5.61 4.57
N ALA A 227 19.46 6.83 4.25
CA ALA A 227 20.83 7.26 4.39
C ALA A 227 20.77 8.68 4.92
N GLY A 228 21.69 9.01 5.83
CA GLY A 228 21.69 10.34 6.38
C GLY A 228 22.96 10.73 7.09
N TYR A 229 23.00 11.98 7.53
CA TYR A 229 24.17 12.57 8.18
C TYR A 229 23.80 13.15 9.53
N TYR A 230 24.56 12.81 10.57
CA TYR A 230 24.41 13.41 11.89
C TYR A 230 24.94 14.83 11.86
N VAL A 231 24.10 15.79 12.23
CA VAL A 231 24.51 17.18 12.25
C VAL A 231 24.73 17.62 13.68
N THR A 232 24.27 16.80 14.63
CA THR A 232 24.71 16.89 16.02
C THR A 232 24.88 15.44 16.45
N PRO A 233 25.41 15.21 17.66
CA PRO A 233 25.47 13.83 18.17
C PRO A 233 24.10 13.14 18.22
N ASN A 234 23.03 13.92 18.31
CA ASN A 234 21.71 13.32 18.49
C ASN A 234 20.73 13.48 17.33
N ALA A 235 21.11 14.28 16.33
CA ALA A 235 20.19 14.65 15.26
C ALA A 235 20.75 14.23 13.92
N LYS A 236 19.98 13.45 13.17
CA LYS A 236 20.35 12.97 11.84
C LYS A 236 19.37 13.45 10.77
N VAL A 237 19.90 14.11 9.74
CA VAL A 237 19.06 14.52 8.60
C VAL A 237 19.16 13.40 7.60
N PHE A 238 18.05 12.95 7.01
CA PHE A 238 18.11 11.74 6.18
C PHE A 238 17.12 11.72 5.03
N ALA A 239 17.35 10.82 4.09
CA ALA A 239 16.37 10.56 3.03
C ALA A 239 16.05 9.09 3.07
N GLU A 240 14.84 8.74 2.66
CA GLU A 240 14.39 7.35 2.76
C GLU A 240 13.60 6.93 1.54
N PHE A 241 13.83 5.68 1.10
CA PHE A 241 13.07 5.11 0.01
C PHE A 241 12.47 3.80 0.48
N THR A 242 11.21 3.53 0.14
CA THR A 242 10.60 2.26 0.55
C THR A 242 9.86 1.71 -0.65
N TYR A 243 9.70 0.39 -0.66
CA TYR A 243 8.95 -0.28 -1.70
C TYR A 243 8.24 -1.44 -1.05
N SER A 244 6.98 -1.61 -1.45
CA SER A 244 6.12 -2.67 -0.91
C SER A 244 5.34 -3.29 -2.06
N LYS A 245 5.26 -4.62 -2.02
CA LYS A 245 4.44 -5.36 -2.99
C LYS A 245 3.56 -6.38 -2.28
N TYR A 246 2.25 -6.16 -2.36
CA TYR A 246 1.25 -7.10 -1.87
C TYR A 246 0.77 -7.91 -3.07
N ASP A 247 1.21 -9.16 -3.16
CA ASP A 247 0.82 -10.04 -4.27
C ASP A 247 -0.68 -10.28 -4.23
N GLU A 248 -1.23 -10.60 -5.39
CA GLU A 248 -2.65 -10.91 -5.49
C GLU A 248 -2.95 -12.23 -4.78
N GLY A 249 -4.05 -12.27 -4.05
CA GLY A 249 -4.51 -13.51 -3.45
C GLY A 249 -5.73 -14.03 -4.18
N LYS A 250 -6.23 -15.18 -3.76
CA LYS A 250 -7.44 -15.76 -4.32
C LYS A 250 -8.52 -15.86 -3.23
N GLY A 251 -9.66 -15.23 -3.44
CA GLY A 251 -10.68 -15.18 -2.41
C GLY A 251 -12.11 -14.99 -2.90
N GLY A 252 -13.01 -14.68 -1.98
CA GLY A 252 -14.43 -14.60 -2.28
C GLY A 252 -14.95 -13.21 -2.56
N THR A 253 -16.11 -13.16 -3.22
CA THR A 253 -16.78 -11.91 -3.56
C THR A 253 -18.17 -11.86 -2.92
N GLN A 254 -18.61 -10.64 -2.58
CA GLN A 254 -19.91 -10.42 -1.95
C GLN A 254 -20.59 -9.19 -2.52
N THR A 255 -21.90 -9.30 -2.78
CA THR A 255 -22.67 -8.23 -3.41
C THR A 255 -23.84 -7.82 -2.54
N ILE A 256 -23.90 -6.54 -2.18
CA ILE A 256 -24.96 -6.04 -1.32
C ILE A 256 -25.71 -4.87 -1.95
N ASP A 269 -16.91 -15.50 -5.94
CA ASP A 269 -15.53 -15.61 -6.35
C ASP A 269 -15.38 -15.63 -7.86
N ALA A 270 -14.14 -15.62 -8.32
CA ALA A 270 -13.00 -15.54 -7.44
C ALA A 270 -12.38 -14.16 -7.59
N ALA A 271 -12.11 -13.51 -6.47
CA ALA A 271 -11.62 -12.15 -6.48
C ALA A 271 -10.14 -12.11 -6.15
N GLY A 272 -9.45 -11.11 -6.72
CA GLY A 272 -8.07 -10.85 -6.40
C GLY A 272 -7.94 -9.40 -5.97
N ILE A 273 -7.09 -9.17 -4.97
CA ILE A 273 -6.82 -7.83 -4.46
C ILE A 273 -5.31 -7.63 -4.38
N SER A 274 -4.79 -6.60 -5.03
CA SER A 274 -3.35 -6.41 -4.98
C SER A 274 -2.91 -4.95 -4.97
N ASN A 275 -1.66 -4.75 -4.56
CA ASN A 275 -1.05 -3.43 -4.53
C ASN A 275 0.46 -3.45 -4.54
N LYS A 276 1.04 -2.44 -5.19
CA LYS A 276 2.44 -2.10 -4.97
C LYS A 276 2.52 -0.61 -4.66
N ASN A 277 3.45 -0.24 -3.81
CA ASN A 277 3.63 1.20 -3.56
C ASN A 277 5.07 1.56 -3.27
N TYR A 278 5.37 2.84 -3.43
CA TYR A 278 6.70 3.38 -3.19
C TYR A 278 6.57 4.62 -2.32
N THR A 279 7.54 4.88 -1.46
CA THR A 279 7.65 6.23 -0.90
C THR A 279 9.06 6.76 -1.01
N VAL A 280 9.15 8.07 -1.15
CA VAL A 280 10.40 8.79 -1.14
C VAL A 280 10.18 9.99 -0.23
N THR A 281 10.92 10.06 0.88
CA THR A 281 10.73 11.12 1.85
C THR A 281 12.08 11.60 2.37
N ALA A 282 12.07 12.75 3.04
CA ALA A 282 13.28 13.25 3.68
C ALA A 282 12.89 13.92 5.00
N GLY A 283 13.74 13.80 6.01
CA GLY A 283 13.38 14.33 7.30
C GLY A 283 14.51 14.35 8.31
N LEU A 284 14.11 14.22 9.56
CA LEU A 284 15.07 14.40 10.64
C LEU A 284 14.75 13.35 11.67
N GLN A 285 15.81 12.80 12.28
CA GLN A 285 15.66 11.84 13.34
C GLN A 285 16.33 12.41 14.57
N TYR A 286 15.67 12.32 15.73
CA TYR A 286 16.24 12.88 16.94
C TYR A 286 16.25 11.91 18.11
N ARG A 287 17.43 11.71 18.70
CA ARG A 287 17.59 10.86 19.89
C ARG A 287 17.68 11.73 21.14
N PHE A 288 16.89 11.40 22.16
CA PHE A 288 16.83 12.23 23.37
C PHE A 288 18.05 11.99 24.26
N GLY A 289 18.18 12.80 25.31
CA GLY A 289 19.28 12.63 26.26
C GLY A 289 20.22 13.82 26.31
N LYS B 1 -26.06 -9.08 -14.70
CA LYS B 1 -24.88 -9.77 -14.15
C LYS B 1 -23.62 -8.91 -14.24
N CYS B 2 -23.45 -8.23 -15.38
CA CYS B 2 -22.37 -7.28 -15.63
C CYS B 2 -21.32 -7.12 -14.52
N PRO B 3 -20.25 -7.92 -14.57
CA PRO B 3 -19.17 -7.71 -13.60
C PRO B 3 -18.37 -6.43 -13.88
N GLY B 4 -17.96 -5.75 -12.82
CA GLY B 4 -16.97 -4.70 -12.90
C GLY B 4 -17.39 -3.38 -13.54
N ARG B 5 -18.10 -3.49 -14.67
CA ARG B 5 -18.46 -2.32 -15.46
C ARG B 5 -19.14 -1.24 -14.63
N VAL B 6 -18.79 0.00 -14.90
CA VAL B 6 -19.38 1.15 -14.22
C VAL B 6 -20.93 1.13 -14.25
N VAL B 7 -21.49 0.83 -15.41
CA VAL B 7 -22.93 0.69 -15.52
C VAL B 7 -23.32 -0.77 -15.78
N GLY B 8 -24.48 -1.17 -15.28
CA GLY B 8 -24.98 -2.51 -15.51
C GLY B 8 -25.83 -2.58 -16.76
N GLY B 9 -26.93 -3.33 -16.70
CA GLY B 9 -27.80 -3.44 -17.84
C GLY B 9 -27.22 -4.37 -18.89
N CYS B 10 -26.44 -5.35 -18.44
CA CYS B 10 -25.91 -6.37 -19.34
C CYS B 10 -26.96 -7.45 -19.57
N LYS B 11 -27.63 -7.36 -20.72
CA LYS B 11 -28.68 -8.30 -21.07
C LYS B 11 -28.47 -8.81 -22.49
#